data_6A0L
#
_entry.id   6A0L
#
_cell.length_a   47.000
_cell.length_b   115.688
_cell.length_c   182.198
_cell.angle_alpha   90.00
_cell.angle_beta   90.00
_cell.angle_gamma   90.00
#
_symmetry.space_group_name_H-M   'C 2 2 21'
#
loop_
_entity.id
_entity.type
_entity.pdbx_description
1 polymer 'Cyclic maltosyl-maltose hydrolase'
2 branched alpha-D-glucopyranose-(1-4)-alpha-D-glucopyranose
3 water water
#
_entity_poly.entity_id   1
_entity_poly.type   'polypeptide(L)'
_entity_poly.pdbx_seq_one_letter_code
;MGSSHHHHHHSSGLVPRGSHMVTAPDWLADAVFYQIFPERFANADPSLDPQNVVPWGSTPTPDNFFGGDLQGIIDHLDHI
VALGANALYLTPIFEADTNHRYDAKDYFSIDHRLGTLETFHALMAECRARGIRIVLDAVLNHCGDGHWAFADVVENEADS
AYVNWFSVEGFPVTAHPTPNYRTCSGCYYLPKWNAYNPEVRHHHLDVARYWIDQGIDGWRLDVPYFINHTFWREFRTAVK
GKSEDLYIVAEEWRSPVEWLQGDTADGTMNYTARDLILGFTADGGIDASALAAGLNALHAEIPAGFHRGMLNLLGSHDTE
RVLTRHAGDVEAALLSYALLFSLEGAPMVYYGDEVGLTGDNDPGCRGAMPWNEESWNTRLLDGIRTFAAFRAHQPAMRRG
RQTAVALDADTIAIVRSGGDERAAVIVHRGEGTTVDTASIPELAPLDADTVVLGPLGTASLATAASPGSSA
;
_entity_poly.pdbx_strand_id   A
#
loop_
_chem_comp.id
_chem_comp.type
_chem_comp.name
_chem_comp.formula
GLC D-saccharide, alpha linking alpha-D-glucopyranose 'C6 H12 O6'
#
# COMPACT_ATOMS: atom_id res chain seq x y z
N PRO A 25 -4.71 14.11 8.41
CA PRO A 25 -3.91 15.21 7.86
C PRO A 25 -4.21 15.55 6.40
N ASP A 26 -4.66 16.79 6.19
CA ASP A 26 -5.18 17.27 4.92
C ASP A 26 -4.40 16.88 3.65
N TRP A 27 -3.08 16.88 3.69
CA TRP A 27 -2.26 16.61 2.49
C TRP A 27 -2.65 15.32 1.74
N LEU A 28 -3.29 14.39 2.45
CA LEU A 28 -3.73 13.13 1.85
C LEU A 28 -4.83 13.28 0.81
N ALA A 29 -5.53 14.41 0.81
CA ALA A 29 -6.49 14.71 -0.24
C ALA A 29 -5.80 14.81 -1.60
N ASP A 30 -4.60 15.40 -1.63
CA ASP A 30 -3.82 15.48 -2.88
C ASP A 30 -2.73 14.35 -3.15
N ALA A 31 -2.73 13.26 -2.39
CA ALA A 31 -1.67 12.22 -2.54
C ALA A 31 -2.04 11.08 -3.51
N VAL A 32 -1.00 10.59 -4.17
CA VAL A 32 -1.14 9.42 -5.03
C VAL A 32 0.11 8.58 -4.76
N PHE A 33 -0.14 7.31 -4.39
CA PHE A 33 0.87 6.42 -3.90
C PHE A 33 1.32 5.37 -4.91
N TYR A 34 2.60 5.05 -4.84
CA TYR A 34 3.21 3.99 -5.63
C TYR A 34 3.87 3.06 -4.62
N GLN A 35 3.35 1.85 -4.50
CA GLN A 35 3.95 0.86 -3.58
C GLN A 35 5.10 0.12 -4.27
N ILE A 36 6.25 0.05 -3.61
CA ILE A 36 7.44 -0.65 -4.11
C ILE A 36 7.90 -1.72 -3.10
N PHE A 37 8.24 -2.89 -3.64
CA PHE A 37 8.87 -4.02 -2.94
C PHE A 37 10.33 -3.98 -3.39
N PRO A 38 11.22 -3.28 -2.62
CA PRO A 38 12.56 -2.92 -3.13
C PRO A 38 13.47 -4.04 -3.75
N GLU A 39 13.38 -5.27 -3.32
CA GLU A 39 14.22 -6.35 -3.91
C GLU A 39 14.00 -6.60 -5.46
N ARG A 40 12.87 -6.12 -5.99
CA ARG A 40 12.46 -6.43 -7.36
C ARG A 40 12.20 -5.21 -8.27
N PHE A 41 12.65 -4.02 -7.84
CA PHE A 41 12.37 -2.83 -8.57
C PHE A 41 13.43 -2.49 -9.60
N ALA A 42 14.70 -2.47 -9.18
CA ALA A 42 15.79 -2.06 -10.03
C ALA A 42 17.12 -2.32 -9.36
N ASN A 43 17.93 -3.17 -10.02
CA ASN A 43 19.30 -3.46 -9.57
C ASN A 43 20.26 -2.44 -10.20
N ALA A 44 20.42 -1.28 -9.58
CA ALA A 44 21.42 -0.30 -10.02
C ALA A 44 22.87 -0.70 -9.68
N ASP A 45 23.12 -1.34 -8.53
CA ASP A 45 24.50 -1.48 -8.01
C ASP A 45 24.79 -2.97 -7.75
N PRO A 46 25.23 -3.71 -8.80
CA PRO A 46 25.39 -5.14 -8.72
C PRO A 46 26.57 -5.55 -7.86
N SER A 47 27.33 -4.58 -7.33
CA SER A 47 28.32 -4.87 -6.30
C SER A 47 27.68 -5.27 -4.99
N LEU A 48 26.44 -4.83 -4.75
CA LEU A 48 25.73 -5.14 -3.47
C LEU A 48 25.13 -6.52 -3.44
N ASP A 49 25.05 -7.12 -4.63
CA ASP A 49 24.39 -8.40 -4.81
C ASP A 49 25.04 -9.54 -4.02
N PRO A 50 24.21 -10.47 -3.51
CA PRO A 50 24.74 -11.62 -2.80
C PRO A 50 25.39 -12.56 -3.81
N GLN A 51 26.15 -13.53 -3.29
CA GLN A 51 26.86 -14.47 -4.11
C GLN A 51 25.94 -15.29 -5.03
N ASN A 52 24.77 -15.69 -4.54
CA ASN A 52 23.84 -16.52 -5.32
C ASN A 52 22.54 -15.78 -5.68
N VAL A 53 22.70 -14.49 -5.93
CA VAL A 53 21.74 -13.70 -6.68
C VAL A 53 21.37 -14.40 -7.98
N VAL A 54 20.17 -14.16 -8.48
CA VAL A 54 19.75 -14.77 -9.74
C VAL A 54 19.60 -13.72 -10.83
N PRO A 55 19.33 -14.16 -12.07
CA PRO A 55 19.07 -13.18 -13.14
C PRO A 55 17.81 -12.40 -12.94
N TRP A 56 17.82 -11.17 -13.48
CA TRP A 56 16.73 -10.21 -13.34
C TRP A 56 15.38 -10.72 -13.89
N GLY A 57 15.42 -11.56 -14.91
CA GLY A 57 14.19 -12.13 -15.49
C GLY A 57 13.69 -13.38 -14.81
N SER A 58 14.20 -13.69 -13.61
CA SER A 58 13.93 -14.99 -12.95
C SER A 58 12.54 -15.10 -12.36
N THR A 59 12.11 -16.33 -12.16
CA THR A 59 10.83 -16.65 -11.55
C THR A 59 11.01 -16.39 -10.05
N PRO A 60 10.12 -15.56 -9.43
CA PRO A 60 10.31 -15.25 -8.01
C PRO A 60 9.88 -16.39 -7.12
N THR A 61 10.68 -16.62 -6.08
CA THR A 61 10.34 -17.64 -5.10
C THR A 61 10.35 -17.00 -3.72
N PRO A 62 9.98 -17.80 -2.70
CA PRO A 62 10.12 -17.36 -1.35
C PRO A 62 11.58 -17.23 -0.85
N ASP A 63 12.56 -17.78 -1.60
CA ASP A 63 13.93 -17.89 -1.16
C ASP A 63 14.98 -17.09 -1.97
N ASN A 64 14.75 -16.85 -3.26
CA ASN A 64 15.74 -16.18 -4.14
C ASN A 64 15.78 -14.64 -4.07
N PHE A 65 16.98 -14.10 -4.32
CA PHE A 65 17.23 -12.64 -4.33
C PHE A 65 17.58 -12.17 -5.76
N PHE A 66 16.93 -11.09 -6.22
CA PHE A 66 17.18 -10.46 -7.49
C PHE A 66 18.13 -9.20 -7.36
N GLY A 67 18.50 -8.79 -6.16
CA GLY A 67 19.40 -7.63 -6.01
C GLY A 67 18.84 -6.23 -6.26
N GLY A 68 17.52 -6.10 -6.32
CA GLY A 68 16.92 -4.78 -6.31
C GLY A 68 17.62 -3.97 -5.24
N ASP A 69 17.62 -2.66 -5.39
CA ASP A 69 18.37 -1.79 -4.48
C ASP A 69 17.82 -0.36 -4.47
N LEU A 70 18.28 0.42 -3.49
CA LEU A 70 17.80 1.80 -3.29
C LEU A 70 18.22 2.77 -4.38
N GLN A 71 19.39 2.54 -4.94
CA GLN A 71 19.87 3.31 -6.09
C GLN A 71 19.02 3.08 -7.33
N GLY A 72 18.55 1.84 -7.52
CA GLY A 72 17.54 1.48 -8.52
C GLY A 72 16.33 2.36 -8.35
N ILE A 73 15.91 2.60 -7.11
CA ILE A 73 14.80 3.50 -6.84
C ILE A 73 15.12 4.95 -7.27
N ILE A 74 16.24 5.50 -6.82
CA ILE A 74 16.61 6.89 -7.21
C ILE A 74 16.64 7.05 -8.76
N ASP A 75 17.28 6.09 -9.42
CA ASP A 75 17.44 6.15 -10.86
C ASP A 75 16.17 6.08 -11.67
N HIS A 76 15.09 5.56 -11.12
CA HIS A 76 13.86 5.51 -11.89
C HIS A 76 12.73 6.35 -11.31
N LEU A 77 13.07 7.39 -10.55
CA LEU A 77 12.05 8.23 -9.96
C LEU A 77 11.18 8.92 -10.98
N ASP A 78 11.73 9.24 -12.12
CA ASP A 78 11.03 9.92 -13.17
C ASP A 78 9.82 9.21 -13.73
N HIS A 79 9.85 7.89 -13.73
CA HIS A 79 8.76 7.01 -14.15
C HIS A 79 7.62 7.13 -13.17
N ILE A 80 7.97 7.21 -11.91
CA ILE A 80 6.97 7.36 -10.85
C ILE A 80 6.22 8.67 -11.05
N VAL A 81 6.98 9.76 -11.19
CA VAL A 81 6.39 11.07 -11.37
C VAL A 81 5.55 11.02 -12.66
N ALA A 82 6.05 10.34 -13.69
CA ALA A 82 5.37 10.34 -15.02
C ALA A 82 4.02 9.61 -14.96
N LEU A 83 3.96 8.61 -14.12
CA LEU A 83 2.73 7.90 -13.86
C LEU A 83 1.71 8.78 -13.18
N GLY A 84 2.21 9.72 -12.35
CA GLY A 84 1.32 10.64 -11.66
C GLY A 84 1.32 10.50 -10.16
N ALA A 85 2.23 9.69 -9.60
CA ALA A 85 2.37 9.49 -8.16
C ALA A 85 3.25 10.58 -7.50
N ASN A 86 2.92 10.89 -6.23
CA ASN A 86 3.70 11.82 -5.35
C ASN A 86 3.88 11.32 -3.86
N ALA A 87 3.70 10.02 -3.66
CA ALA A 87 4.00 9.37 -2.40
C ALA A 87 4.46 7.97 -2.73
N LEU A 88 5.43 7.48 -1.99
CA LEU A 88 5.86 6.07 -2.06
C LEU A 88 5.52 5.32 -0.75
N TYR A 89 5.10 4.05 -0.88
CA TYR A 89 4.87 3.17 0.27
C TYR A 89 5.87 2.05 0.08
N LEU A 90 6.87 2.00 0.90
CA LEU A 90 7.88 0.97 0.83
C LEU A 90 7.71 -0.16 1.85
N THR A 91 7.81 -1.39 1.37
CA THR A 91 7.81 -2.56 2.24
C THR A 91 9.19 -2.64 2.90
N PRO A 92 9.38 -3.53 3.89
CA PRO A 92 10.54 -3.43 4.80
C PRO A 92 11.84 -3.23 4.09
N ILE A 93 12.70 -2.40 4.66
CA ILE A 93 14.07 -2.16 4.15
C ILE A 93 15.21 -2.34 5.16
N PHE A 94 14.91 -2.71 6.39
CA PHE A 94 15.96 -2.87 7.44
C PHE A 94 16.63 -4.24 7.31
N GLU A 95 17.81 -4.34 7.91
CA GLU A 95 18.65 -5.53 7.79
C GLU A 95 17.87 -6.79 8.16
N ALA A 96 17.95 -7.84 7.35
CA ALA A 96 17.13 -9.05 7.56
C ALA A 96 17.70 -10.22 6.76
N ASP A 97 17.17 -11.40 7.03
CA ASP A 97 17.66 -12.61 6.36
C ASP A 97 16.81 -13.03 5.13
N THR A 98 15.54 -12.61 5.04
CA THR A 98 14.68 -12.94 3.87
C THR A 98 14.59 -11.88 2.76
N ASN A 99 14.06 -12.31 1.61
CA ASN A 99 13.91 -11.41 0.47
C ASN A 99 12.76 -10.43 0.65
N HIS A 100 11.81 -10.75 1.54
CA HIS A 100 10.68 -9.84 1.92
C HIS A 100 11.01 -8.85 3.05
N ARG A 101 11.93 -9.25 3.92
CA ARG A 101 12.47 -8.41 5.04
C ARG A 101 11.51 -8.13 6.23
N TYR A 102 10.50 -8.99 6.37
CA TYR A 102 9.71 -9.07 7.58
C TYR A 102 10.41 -9.81 8.78
N ASP A 103 11.59 -10.37 8.59
CA ASP A 103 12.38 -10.87 9.71
C ASP A 103 13.51 -9.90 10.06
N ALA A 104 13.16 -8.70 10.54
CA ALA A 104 14.18 -7.69 10.81
C ALA A 104 15.18 -8.13 11.86
N LYS A 105 16.46 -7.89 11.61
CA LYS A 105 17.51 -8.28 12.53
C LYS A 105 18.34 -7.12 13.17
N ASP A 106 18.00 -5.89 12.82
CA ASP A 106 18.67 -4.65 13.28
C ASP A 106 17.81 -3.52 12.78
N TYR A 107 16.98 -2.94 13.61
CA TYR A 107 16.10 -1.92 13.12
C TYR A 107 16.72 -0.60 12.78
N PHE A 108 17.94 -0.40 13.21
CA PHE A 108 18.64 0.88 13.04
C PHE A 108 19.64 0.85 11.87
N SER A 109 19.38 0.03 10.86
CA SER A 109 20.25 0.02 9.67
C SER A 109 19.52 -0.48 8.45
N ILE A 110 19.92 0.06 7.31
CA ILE A 110 19.41 -0.34 6.03
C ILE A 110 20.04 -1.68 5.67
N ASP A 111 19.23 -2.58 5.12
CA ASP A 111 19.78 -3.88 4.78
C ASP A 111 20.98 -3.72 3.88
N HIS A 112 21.99 -4.54 4.14
CA HIS A 112 23.24 -4.34 3.45
C HIS A 112 23.17 -4.53 1.94
N ARG A 113 22.17 -5.29 1.46
CA ARG A 113 21.93 -5.39 0.02
C ARG A 113 21.16 -4.21 -0.56
N LEU A 114 20.49 -3.41 0.25
CA LEU A 114 19.69 -2.29 -0.21
C LEU A 114 20.47 -1.05 -0.42
N GLY A 115 21.45 -0.85 0.42
CA GLY A 115 22.30 0.30 0.34
C GLY A 115 22.77 0.69 1.69
N THR A 116 23.36 1.85 1.78
CA THR A 116 23.74 2.35 3.07
C THR A 116 22.82 3.49 3.46
N LEU A 117 22.94 3.96 4.67
CA LEU A 117 22.20 5.15 5.09
C LEU A 117 22.56 6.32 4.22
N GLU A 118 23.81 6.38 3.74
CA GLU A 118 24.11 7.44 2.78
C GLU A 118 23.23 7.24 1.52
N THR A 119 23.24 6.04 0.93
CA THR A 119 22.30 5.76 -0.21
C THR A 119 20.88 6.13 0.16
N PHE A 120 20.44 5.74 1.35
CA PHE A 120 19.09 6.11 1.81
C PHE A 120 18.89 7.62 1.87
N HIS A 121 19.87 8.36 2.40
CA HIS A 121 19.79 9.84 2.50
C HIS A 121 19.66 10.46 1.11
N ALA A 122 20.51 9.97 0.20
CA ALA A 122 20.49 10.39 -1.18
C ALA A 122 19.12 10.13 -1.77
N LEU A 123 18.46 9.00 -1.50
CA LEU A 123 17.09 8.83 -2.02
C LEU A 123 16.12 9.88 -1.49
N MET A 124 16.27 10.27 -0.21
CA MET A 124 15.32 11.22 0.45
C MET A 124 15.38 12.63 -0.10
N ALA A 125 16.61 13.05 -0.36
CA ALA A 125 16.87 14.36 -0.94
C ALA A 125 16.28 14.50 -2.35
N GLU A 126 16.51 13.52 -3.21
CA GLU A 126 15.85 13.49 -4.54
C GLU A 126 14.32 13.51 -4.41
N CYS A 127 13.77 12.73 -3.49
CA CYS A 127 12.31 12.77 -3.27
C CYS A 127 11.74 14.16 -2.90
N ARG A 128 12.43 14.87 -2.01
CA ARG A 128 11.96 16.18 -1.52
C ARG A 128 12.11 17.24 -2.64
N ALA A 129 13.13 17.08 -3.48
CA ALA A 129 13.30 17.93 -4.65
C ALA A 129 12.22 17.69 -5.75
N ARG A 130 11.46 16.58 -5.73
CA ARG A 130 10.29 16.42 -6.63
C ARG A 130 8.91 16.52 -5.97
N GLY A 131 8.84 16.75 -4.65
CA GLY A 131 7.55 16.66 -3.89
C GLY A 131 7.01 15.24 -3.70
N ILE A 132 7.91 14.26 -3.54
CA ILE A 132 7.55 12.85 -3.28
C ILE A 132 7.74 12.51 -1.81
N ARG A 133 6.65 12.23 -1.10
CA ARG A 133 6.73 11.80 0.30
C ARG A 133 6.94 10.31 0.42
N ILE A 134 7.61 9.89 1.50
CA ILE A 134 7.94 8.50 1.80
C ILE A 134 7.21 7.92 3.04
N VAL A 135 6.72 6.68 2.89
CA VAL A 135 6.19 5.85 3.98
C VAL A 135 6.92 4.49 4.05
N LEU A 136 7.46 4.18 5.24
CA LEU A 136 8.09 2.90 5.56
C LEU A 136 7.12 1.99 6.39
N ASP A 137 7.46 0.70 6.41
CA ASP A 137 6.63 -0.36 6.98
C ASP A 137 7.18 -0.70 8.37
N ALA A 138 6.32 -0.46 9.37
CA ALA A 138 6.60 -0.66 10.77
C ALA A 138 6.14 -2.05 11.16
N VAL A 139 7.11 -2.86 11.51
CA VAL A 139 6.91 -4.25 11.82
C VAL A 139 7.24 -4.44 13.31
N LEU A 140 6.29 -4.07 14.17
CA LEU A 140 6.50 -4.03 15.62
C LEU A 140 5.89 -5.18 16.42
N ASN A 141 5.05 -5.97 15.80
CA ASN A 141 4.53 -7.15 16.43
C ASN A 141 5.64 -8.24 16.57
N HIS A 142 6.54 -8.32 15.63
CA HIS A 142 7.60 -9.34 15.59
C HIS A 142 8.85 -8.91 14.86
N CYS A 143 9.92 -9.68 15.05
CA CYS A 143 11.20 -9.53 14.44
C CYS A 143 11.74 -10.87 13.89
N GLY A 144 12.97 -10.88 13.41
CA GLY A 144 13.51 -12.09 12.83
C GLY A 144 14.18 -13.04 13.80
N ASP A 145 14.25 -14.33 13.47
CA ASP A 145 15.05 -15.29 14.30
C ASP A 145 16.53 -15.07 14.29
N GLY A 146 17.04 -14.25 13.40
CA GLY A 146 18.42 -13.80 13.46
C GLY A 146 18.73 -12.43 14.14
N HIS A 147 17.81 -11.83 14.88
CA HIS A 147 18.02 -10.52 15.53
C HIS A 147 18.94 -10.70 16.73
N TRP A 148 19.77 -9.71 17.06
CA TRP A 148 20.78 -9.79 18.15
C TRP A 148 20.24 -10.15 19.48
N ALA A 149 19.14 -9.56 19.86
CA ALA A 149 18.40 -9.81 21.09
C ALA A 149 17.74 -11.20 21.18
N PHE A 150 17.04 -11.63 20.15
CA PHE A 150 16.60 -13.03 20.11
C PHE A 150 17.79 -14.03 20.05
N ALA A 151 18.86 -13.69 19.34
CA ALA A 151 20.02 -14.62 19.20
C ALA A 151 20.86 -14.72 20.50
N ASP A 152 20.76 -13.68 21.35
CA ASP A 152 21.37 -13.66 22.67
C ASP A 152 20.56 -14.55 23.63
N VAL A 153 19.24 -14.38 23.61
CA VAL A 153 18.33 -15.12 24.48
C VAL A 153 18.50 -16.58 24.20
N VAL A 154 18.61 -16.93 22.91
CA VAL A 154 19.01 -18.29 22.50
C VAL A 154 20.33 -18.75 23.12
N GLU A 155 21.24 -17.83 23.26
CA GLU A 155 22.57 -18.08 23.81
C GLU A 155 22.72 -17.93 25.34
N ASN A 156 22.19 -16.86 25.93
CA ASN A 156 22.32 -16.66 27.35
C ASN A 156 21.11 -16.98 28.19
N GLU A 157 20.08 -17.50 27.57
CA GLU A 157 18.86 -17.89 28.20
C GLU A 157 18.33 -16.98 29.29
N ALA A 158 17.99 -17.56 30.42
CA ALA A 158 17.49 -16.81 31.54
C ALA A 158 18.52 -15.83 32.10
N ASP A 159 19.80 -16.02 31.78
CA ASP A 159 20.81 -14.99 32.10
C ASP A 159 20.89 -13.88 31.09
N SER A 160 20.16 -13.97 29.98
CA SER A 160 20.17 -12.93 28.99
C SER A 160 19.44 -11.77 29.56
N ALA A 161 20.00 -10.60 29.33
CA ALA A 161 19.34 -9.36 29.68
C ALA A 161 18.10 -9.08 28.80
N TYR A 162 17.94 -9.80 27.69
CA TYR A 162 16.74 -9.64 26.79
C TYR A 162 15.69 -10.76 26.86
N VAL A 163 15.76 -11.62 27.88
CA VAL A 163 14.83 -12.76 28.02
C VAL A 163 13.39 -12.33 27.91
N ASN A 164 13.05 -11.25 28.59
CA ASN A 164 11.66 -10.80 28.68
C ASN A 164 11.15 -9.92 27.54
N TRP A 165 11.97 -9.70 26.54
CA TRP A 165 11.59 -8.89 25.39
C TRP A 165 10.83 -9.74 24.42
N PHE A 166 10.75 -11.05 24.72
CA PHE A 166 9.97 -12.01 23.99
C PHE A 166 9.14 -12.88 24.97
N SER A 167 8.39 -13.83 24.42
CA SER A 167 7.56 -14.73 25.19
C SER A 167 7.99 -16.16 24.92
N VAL A 168 9.11 -16.55 25.57
CA VAL A 168 9.70 -17.89 25.42
C VAL A 168 9.18 -18.76 26.58
N GLU A 169 8.59 -19.91 26.24
CA GLU A 169 8.00 -20.83 27.21
C GLU A 169 9.04 -21.55 28.11
N GLY A 170 10.09 -22.09 27.48
CA GLY A 170 11.18 -22.76 28.20
C GLY A 170 12.51 -22.91 27.46
N PHE A 171 13.47 -23.51 28.15
CA PHE A 171 14.84 -23.62 27.68
C PHE A 171 15.18 -25.10 27.59
N PRO A 172 15.92 -25.55 26.60
CA PRO A 172 16.40 -24.75 25.49
C PRO A 172 15.31 -24.29 24.49
N VAL A 173 15.54 -23.13 23.87
CA VAL A 173 14.63 -22.66 22.82
C VAL A 173 14.72 -23.61 21.60
N THR A 174 13.54 -24.00 21.11
CA THR A 174 13.42 -24.89 19.96
C THR A 174 12.35 -24.41 19.04
N ALA A 175 12.64 -24.53 17.77
CA ALA A 175 11.70 -24.14 16.73
C ALA A 175 11.17 -25.39 16.14
N HIS A 176 11.99 -26.26 15.62
CA HIS A 176 11.38 -27.44 15.07
C HIS A 176 11.22 -28.44 16.15
N PRO A 177 9.99 -28.91 16.33
CA PRO A 177 9.07 -29.07 15.20
C PRO A 177 7.92 -28.12 15.28
N THR A 178 7.84 -27.46 16.42
CA THR A 178 6.88 -26.43 16.71
C THR A 178 7.64 -25.46 17.59
N PRO A 179 7.47 -24.18 17.38
CA PRO A 179 8.30 -23.32 18.24
C PRO A 179 7.80 -23.36 19.64
N ASN A 180 8.73 -23.38 20.60
CA ASN A 180 8.38 -23.24 21.98
C ASN A 180 8.37 -21.77 22.40
N TYR A 181 8.09 -20.85 21.48
CA TYR A 181 7.99 -19.40 21.82
C TYR A 181 6.95 -18.79 20.94
N ARG A 182 6.37 -17.67 21.37
CA ARG A 182 5.34 -17.00 20.63
C ARG A 182 5.91 -16.51 19.27
N THR A 183 5.09 -16.57 18.21
CA THR A 183 5.50 -16.13 16.88
C THR A 183 4.38 -15.51 16.08
N CYS A 184 4.71 -14.84 14.98
CA CYS A 184 3.68 -14.35 14.05
C CYS A 184 3.07 -15.52 13.31
N SER A 185 1.83 -15.84 13.63
CA SER A 185 1.08 -16.94 12.97
C SER A 185 1.82 -18.30 12.93
N GLY A 186 2.57 -18.57 13.97
CA GLY A 186 3.20 -19.87 14.09
C GLY A 186 4.44 -20.09 13.26
N CYS A 187 4.92 -19.05 12.57
CA CYS A 187 6.13 -19.10 11.75
C CYS A 187 7.42 -18.94 12.61
N TYR A 188 8.22 -19.99 12.62
CA TYR A 188 9.33 -20.08 13.56
C TYR A 188 10.39 -18.97 13.40
N TYR A 189 10.65 -18.55 12.16
CA TYR A 189 11.69 -17.54 11.91
C TYR A 189 11.25 -16.10 12.23
N LEU A 190 9.98 -15.95 12.65
CA LEU A 190 9.45 -14.70 13.19
C LEU A 190 9.03 -14.79 14.66
N PRO A 191 9.99 -14.74 15.63
CA PRO A 191 9.61 -14.65 17.06
C PRO A 191 8.84 -13.39 17.41
N LYS A 192 7.91 -13.48 18.38
CA LYS A 192 6.93 -12.41 18.70
C LYS A 192 7.47 -11.47 19.74
N TRP A 193 7.29 -10.18 19.48
CA TRP A 193 7.81 -9.19 20.40
C TRP A 193 6.89 -9.10 21.60
N ASN A 194 7.50 -9.01 22.79
CA ASN A 194 6.74 -8.71 24.02
C ASN A 194 6.52 -7.20 24.20
N ALA A 195 5.38 -6.70 23.72
CA ALA A 195 4.97 -5.28 23.85
C ALA A 195 4.44 -4.85 25.23
N TYR A 196 4.26 -5.83 26.14
CA TYR A 196 3.86 -5.57 27.50
C TYR A 196 5.13 -5.25 28.35
N ASN A 197 6.31 -5.39 27.75
CA ASN A 197 7.57 -4.99 28.39
C ASN A 197 7.79 -3.50 28.07
N PRO A 198 7.88 -2.63 29.08
CA PRO A 198 8.28 -1.24 28.81
C PRO A 198 9.64 -1.05 28.10
N GLU A 199 10.60 -1.93 28.31
CA GLU A 199 11.83 -1.86 27.53
C GLU A 199 11.56 -2.04 26.04
N VAL A 200 10.67 -2.96 25.69
CA VAL A 200 10.41 -3.27 24.27
C VAL A 200 9.74 -2.11 23.61
N ARG A 201 8.80 -1.52 24.34
CA ARG A 201 8.17 -0.25 23.97
C ARG A 201 9.14 0.88 23.72
N HIS A 202 10.14 1.00 24.59
CA HIS A 202 11.12 2.03 24.44
C HIS A 202 11.83 1.88 23.08
N HIS A 203 12.41 0.72 22.81
CA HIS A 203 13.08 0.38 21.57
C HIS A 203 12.17 0.60 20.36
N HIS A 204 10.98 0.08 20.45
CA HIS A 204 10.01 0.21 19.41
C HIS A 204 9.76 1.69 19.14
N LEU A 205 9.43 2.48 20.16
CA LEU A 205 9.18 3.91 19.97
C LEU A 205 10.40 4.74 19.55
N ASP A 206 11.60 4.20 19.72
CA ASP A 206 12.83 4.82 19.23
C ASP A 206 13.00 4.57 17.74
N VAL A 207 12.42 3.48 17.22
CA VAL A 207 12.48 3.17 15.80
C VAL A 207 11.68 4.25 15.13
N ALA A 208 10.43 4.39 15.55
CA ALA A 208 9.52 5.36 14.97
C ALA A 208 10.11 6.83 14.96
N ARG A 209 10.87 7.18 15.99
CA ARG A 209 11.61 8.47 16.07
C ARG A 209 12.88 8.55 15.20
N TYR A 210 13.70 7.51 15.22
CA TYR A 210 14.94 7.51 14.46
C TYR A 210 14.70 7.71 12.94
N TRP A 211 13.68 7.04 12.39
CA TRP A 211 13.44 7.14 10.98
C TRP A 211 12.68 8.46 10.66
N ILE A 212 11.86 8.95 11.58
CA ILE A 212 11.28 10.30 11.44
C ILE A 212 12.34 11.37 11.41
N ASP A 213 13.41 11.19 12.19
CA ASP A 213 14.54 12.12 12.14
C ASP A 213 15.30 12.06 10.82
N GLN A 214 15.11 11.01 10.05
CA GLN A 214 15.80 10.90 8.76
C GLN A 214 14.99 11.40 7.61
N GLY A 215 13.91 12.16 7.84
CA GLY A 215 13.10 12.72 6.75
C GLY A 215 11.87 11.95 6.32
N ILE A 216 11.44 10.96 7.09
CA ILE A 216 10.24 10.15 6.80
C ILE A 216 8.96 10.97 6.85
N ASP A 217 7.97 10.54 6.08
CA ASP A 217 6.68 11.17 6.05
C ASP A 217 5.55 10.40 6.78
N GLY A 218 5.77 9.16 7.09
CA GLY A 218 4.79 8.39 7.82
C GLY A 218 5.06 6.92 8.01
N TRP A 219 4.13 6.22 8.62
CA TRP A 219 4.31 4.82 8.84
C TRP A 219 3.08 3.95 8.53
N ARG A 220 3.27 2.86 7.79
CA ARG A 220 2.28 1.81 7.63
C ARG A 220 2.52 0.73 8.72
N LEU A 221 1.44 0.20 9.25
CA LEU A 221 1.49 -0.67 10.43
C LEU A 221 1.33 -2.09 9.96
N ASP A 222 2.39 -2.87 10.12
CA ASP A 222 2.28 -4.27 9.83
C ASP A 222 1.41 -4.94 10.92
N VAL A 223 0.40 -5.71 10.49
CA VAL A 223 -0.48 -6.49 11.35
C VAL A 223 -0.77 -5.90 12.74
N PRO A 224 -1.33 -4.65 12.79
CA PRO A 224 -1.51 -3.94 14.08
C PRO A 224 -2.56 -4.58 15.01
N TYR A 225 -3.51 -5.29 14.40
CA TYR A 225 -4.39 -6.20 15.10
C TYR A 225 -3.71 -7.38 15.95
N PHE A 226 -2.44 -7.65 15.76
CA PHE A 226 -1.74 -8.65 16.56
C PHE A 226 -1.10 -8.04 17.85
N ILE A 227 -1.35 -6.77 18.14
CA ILE A 227 -0.86 -6.14 19.37
C ILE A 227 -2.07 -5.59 20.17
N ASN A 228 -2.01 -4.37 20.69
CA ASN A 228 -3.13 -3.84 21.42
C ASN A 228 -3.37 -2.36 21.15
N HIS A 229 -4.55 -1.86 21.43
CA HIS A 229 -4.84 -0.43 21.18
C HIS A 229 -4.12 0.53 22.10
N THR A 230 -3.75 0.09 23.30
CA THR A 230 -3.00 0.92 24.22
C THR A 230 -1.62 1.21 23.67
N PHE A 231 -0.93 0.16 23.21
CA PHE A 231 0.30 0.35 22.47
C PHE A 231 0.16 1.38 21.32
N TRP A 232 -0.86 1.24 20.49
CA TRP A 232 -0.99 2.08 19.30
C TRP A 232 -1.46 3.48 19.66
N ARG A 233 -1.98 3.66 20.86
CA ARG A 233 -2.19 5.00 21.40
C ARG A 233 -0.85 5.59 21.77
N GLU A 234 0.04 4.78 22.36
CA GLU A 234 1.39 5.28 22.69
C GLU A 234 2.11 5.72 21.41
N PHE A 235 2.01 4.88 20.39
CA PHE A 235 2.68 5.06 19.09
C PHE A 235 2.19 6.31 18.33
N ARG A 236 0.89 6.59 18.36
CA ARG A 236 0.37 7.82 17.76
C ARG A 236 1.02 9.02 18.46
N THR A 237 0.88 9.10 19.77
CA THR A 237 1.47 10.20 20.57
C THR A 237 2.98 10.41 20.36
N ALA A 238 3.82 9.38 20.22
CA ALA A 238 5.26 9.61 19.90
C ALA A 238 5.47 10.08 18.44
N VAL A 239 4.55 9.65 17.56
CA VAL A 239 4.61 9.99 16.14
C VAL A 239 4.06 11.39 15.90
N LYS A 240 2.81 11.63 16.32
CA LYS A 240 2.20 12.93 16.09
C LYS A 240 2.96 14.07 16.82
N GLY A 241 3.79 13.74 17.81
CA GLY A 241 4.54 14.75 18.58
C GLY A 241 5.79 15.22 17.87
N LYS A 242 6.31 14.41 16.96
CA LYS A 242 7.34 14.87 16.03
C LYS A 242 6.63 15.78 15.02
N SER A 243 5.47 15.36 14.51
CA SER A 243 4.62 16.23 13.72
C SER A 243 3.23 15.69 13.51
N GLU A 244 2.24 16.54 13.78
CA GLU A 244 0.83 16.32 13.46
C GLU A 244 0.61 15.70 12.09
N ASP A 245 1.30 16.28 11.11
CA ASP A 245 1.06 15.94 9.72
C ASP A 245 1.71 14.62 9.29
N LEU A 246 2.50 13.98 10.16
CA LEU A 246 2.96 12.62 9.85
C LEU A 246 1.69 11.71 9.81
N TYR A 247 1.63 10.83 8.81
CA TYR A 247 0.48 9.99 8.45
C TYR A 247 0.69 8.57 9.03
N ILE A 248 -0.35 7.99 9.65
CA ILE A 248 -0.36 6.59 10.13
C ILE A 248 -1.50 5.83 9.45
N VAL A 249 -1.16 4.69 8.85
CA VAL A 249 -2.13 3.92 8.08
C VAL A 249 -1.95 2.45 8.46
N ALA A 250 -3.07 1.82 8.77
CA ALA A 250 -3.08 0.55 9.37
C ALA A 250 -3.37 -0.50 8.32
N GLU A 251 -2.67 -1.62 8.41
CA GLU A 251 -3.05 -2.83 7.66
C GLU A 251 -4.30 -3.40 8.32
N GLU A 252 -5.34 -3.66 7.52
CA GLU A 252 -6.62 -4.18 7.99
C GLU A 252 -7.45 -4.73 6.79
N TRP A 253 -7.65 -6.04 6.71
CA TRP A 253 -8.39 -6.73 5.66
C TRP A 253 -9.92 -6.68 5.78
N ARG A 254 -10.40 -6.25 6.93
CA ARG A 254 -11.81 -6.19 7.25
C ARG A 254 -12.31 -4.77 7.56
N SER A 255 -13.23 -4.62 8.49
CA SER A 255 -13.78 -3.34 8.84
C SER A 255 -12.71 -2.38 9.33
N PRO A 256 -12.73 -1.15 8.83
CA PRO A 256 -11.75 -0.15 9.28
C PRO A 256 -12.09 0.59 10.56
N VAL A 257 -13.30 0.38 11.10
CA VAL A 257 -13.90 1.31 12.05
C VAL A 257 -13.11 1.37 13.38
N GLU A 258 -12.58 0.22 13.85
CA GLU A 258 -11.76 0.18 15.09
C GLU A 258 -10.58 1.18 15.09
N TRP A 259 -9.96 1.36 13.90
CA TRP A 259 -8.73 2.12 13.77
C TRP A 259 -8.92 3.63 13.57
N LEU A 260 -10.17 4.08 13.46
CA LEU A 260 -10.56 5.47 13.06
C LEU A 260 -11.39 6.17 14.10
N GLN A 261 -11.18 5.83 15.37
CA GLN A 261 -11.83 6.56 16.44
C GLN A 261 -11.07 7.82 16.87
N GLY A 262 -10.01 8.20 16.15
CA GLY A 262 -9.24 9.39 16.44
C GLY A 262 -8.17 9.23 17.51
N ASP A 263 -7.87 7.99 17.90
CA ASP A 263 -6.80 7.69 18.88
C ASP A 263 -5.72 6.77 18.35
N THR A 264 -5.94 6.10 17.21
CA THR A 264 -4.92 5.22 16.62
C THR A 264 -4.41 5.77 15.26
N ALA A 265 -5.07 5.41 14.17
CA ALA A 265 -4.49 5.71 12.87
C ALA A 265 -5.27 6.80 12.13
N ASP A 266 -4.78 7.16 10.94
CA ASP A 266 -5.42 8.14 10.07
C ASP A 266 -6.29 7.43 9.01
N GLY A 267 -6.17 6.12 8.91
CA GLY A 267 -6.80 5.36 7.84
C GLY A 267 -6.28 3.93 7.77
N THR A 268 -6.87 3.17 6.88
CA THR A 268 -6.43 1.81 6.63
C THR A 268 -6.22 1.58 5.16
N MET A 269 -5.40 0.58 4.83
CA MET A 269 -5.39 -0.06 3.52
C MET A 269 -6.83 -0.57 3.23
N ASN A 270 -7.43 -0.14 2.14
CA ASN A 270 -8.88 -0.23 1.98
C ASN A 270 -9.24 -1.44 1.21
N TYR A 271 -8.89 -2.59 1.77
CA TYR A 271 -9.23 -3.88 1.14
C TYR A 271 -10.72 -4.05 0.93
N THR A 272 -11.56 -3.38 1.71
CA THR A 272 -13.02 -3.45 1.48
C THR A 272 -13.41 -2.88 0.13
N ALA A 273 -12.85 -1.73 -0.21
CA ALA A 273 -13.10 -1.16 -1.56
C ALA A 273 -12.54 -2.05 -2.66
N ARG A 274 -11.32 -2.56 -2.48
CA ARG A 274 -10.71 -3.53 -3.43
C ARG A 274 -11.66 -4.67 -3.85
N ASP A 275 -12.23 -5.37 -2.87
CA ASP A 275 -13.15 -6.48 -3.13
C ASP A 275 -14.45 -6.04 -3.78
N LEU A 276 -14.95 -4.85 -3.43
CA LEU A 276 -16.16 -4.31 -4.08
C LEU A 276 -15.91 -4.02 -5.57
N ILE A 277 -14.82 -3.32 -5.85
CA ILE A 277 -14.46 -2.98 -7.23
C ILE A 277 -14.20 -4.23 -8.14
N LEU A 278 -13.34 -5.15 -7.69
CA LEU A 278 -12.97 -6.31 -8.52
C LEU A 278 -14.14 -7.26 -8.70
N GLY A 279 -14.96 -7.38 -7.66
CA GLY A 279 -16.20 -8.07 -7.80
C GLY A 279 -16.96 -7.67 -9.05
N PHE A 280 -16.99 -6.35 -9.33
CA PHE A 280 -17.77 -5.71 -10.44
C PHE A 280 -17.04 -5.68 -11.78
N THR A 281 -15.77 -5.26 -11.78
CA THR A 281 -14.97 -5.19 -13.02
C THR A 281 -14.35 -6.52 -13.51
N ALA A 282 -14.18 -7.51 -12.63
CA ALA A 282 -13.44 -8.80 -12.96
C ALA A 282 -14.17 -10.11 -12.71
N ASP A 283 -14.84 -10.20 -11.58
CA ASP A 283 -15.47 -11.45 -11.16
C ASP A 283 -16.80 -11.59 -11.88
N GLY A 284 -17.52 -10.47 -12.04
CA GLY A 284 -18.93 -10.49 -12.45
C GLY A 284 -19.92 -10.78 -11.34
N GLY A 285 -19.46 -10.93 -10.10
CA GLY A 285 -20.34 -11.33 -8.99
C GLY A 285 -21.32 -10.27 -8.52
N ILE A 286 -20.94 -9.00 -8.69
CA ILE A 286 -21.65 -7.87 -8.12
C ILE A 286 -22.03 -6.94 -9.25
N ASP A 287 -23.26 -6.46 -9.27
CA ASP A 287 -23.63 -5.49 -10.28
C ASP A 287 -23.48 -4.09 -9.68
N ALA A 288 -23.78 -3.07 -10.47
CA ALA A 288 -23.58 -1.69 -10.05
C ALA A 288 -24.42 -1.24 -8.86
N SER A 289 -25.62 -1.77 -8.73
CA SER A 289 -26.45 -1.46 -7.57
C SER A 289 -25.78 -1.93 -6.31
N ALA A 290 -25.29 -3.16 -6.36
CA ALA A 290 -24.58 -3.74 -5.25
C ALA A 290 -23.28 -2.99 -4.94
N LEU A 291 -22.56 -2.56 -5.98
CA LEU A 291 -21.33 -1.79 -5.81
C LEU A 291 -21.56 -0.47 -5.05
N ALA A 292 -22.51 0.33 -5.52
CA ALA A 292 -22.85 1.66 -4.92
C ALA A 292 -23.38 1.56 -3.48
N ALA A 293 -24.26 0.58 -3.24
CA ALA A 293 -24.82 0.42 -1.89
C ALA A 293 -23.72 0.10 -0.87
N GLY A 294 -22.71 -0.64 -1.32
CA GLY A 294 -21.60 -1.01 -0.47
C GLY A 294 -20.65 0.14 -0.26
N LEU A 295 -20.37 0.89 -1.34
CA LEU A 295 -19.50 2.07 -1.24
C LEU A 295 -20.14 3.15 -0.37
N ASN A 296 -21.46 3.35 -0.47
CA ASN A 296 -22.15 4.36 0.41
C ASN A 296 -22.19 3.89 1.85
N ALA A 297 -22.47 2.61 2.04
CA ALA A 297 -22.47 2.03 3.38
C ALA A 297 -21.10 2.17 4.06
N LEU A 298 -20.05 1.92 3.32
CA LEU A 298 -18.71 1.99 3.84
C LEU A 298 -18.40 3.43 4.20
N HIS A 299 -18.90 4.36 3.40
CA HIS A 299 -18.75 5.79 3.63
C HIS A 299 -19.50 6.23 4.90
N ALA A 300 -20.61 5.60 5.17
CA ALA A 300 -21.39 5.88 6.35
C ALA A 300 -20.78 5.23 7.63
N GLU A 301 -20.06 4.12 7.45
CA GLU A 301 -19.34 3.43 8.56
C GLU A 301 -18.07 4.21 8.99
N ILE A 302 -17.42 4.83 8.01
CA ILE A 302 -16.20 5.54 8.25
C ILE A 302 -16.52 6.88 8.93
N PRO A 303 -15.77 7.27 10.00
CA PRO A 303 -16.04 8.51 10.71
C PRO A 303 -15.52 9.77 10.02
N ALA A 304 -16.27 10.86 10.22
CA ALA A 304 -15.97 12.20 9.72
C ALA A 304 -14.55 12.61 9.99
N GLY A 305 -13.95 13.32 9.04
CA GLY A 305 -12.53 13.62 9.10
C GLY A 305 -11.59 12.46 8.80
N PHE A 306 -12.09 11.23 8.61
CA PHE A 306 -11.19 10.09 8.31
C PHE A 306 -11.31 9.51 6.89
N HIS A 307 -12.34 9.92 6.14
CA HIS A 307 -12.56 9.45 4.74
C HIS A 307 -11.38 9.66 3.83
N ARG A 308 -10.69 10.79 4.01
CA ARG A 308 -9.65 11.17 3.10
C ARG A 308 -8.28 10.68 3.56
N GLY A 309 -8.24 9.97 4.71
CA GLY A 309 -7.03 9.27 5.17
C GLY A 309 -6.99 7.80 4.74
N MET A 310 -8.13 7.32 4.26
CA MET A 310 -8.21 6.00 3.67
C MET A 310 -7.18 5.84 2.53
N LEU A 311 -6.45 4.72 2.52
CA LEU A 311 -5.49 4.37 1.47
C LEU A 311 -6.09 3.33 0.52
N ASN A 312 -6.52 3.78 -0.66
CA ASN A 312 -7.30 2.89 -1.60
C ASN A 312 -6.37 2.09 -2.54
N LEU A 313 -6.76 0.86 -2.89
CA LEU A 313 -5.90 -0.01 -3.77
C LEU A 313 -6.66 -1.18 -4.45
N LEU A 314 -6.04 -1.74 -5.48
CA LEU A 314 -6.57 -2.86 -6.23
C LEU A 314 -5.70 -4.10 -6.06
N GLY A 315 -4.53 -3.97 -5.45
CA GLY A 315 -3.68 -5.13 -5.21
C GLY A 315 -2.47 -4.74 -4.39
N SER A 316 -1.68 -5.71 -4.01
CA SER A 316 -0.48 -5.42 -3.22
C SER A 316 0.46 -6.59 -3.34
N HIS A 317 1.59 -6.54 -2.62
CA HIS A 317 2.45 -7.72 -2.33
C HIS A 317 1.78 -8.97 -1.66
N ASP A 318 0.54 -8.84 -1.14
CA ASP A 318 -0.14 -9.99 -0.52
C ASP A 318 -1.33 -10.46 -1.37
N THR A 319 -1.37 -10.02 -2.63
CA THR A 319 -2.44 -10.41 -3.55
C THR A 319 -1.89 -10.83 -4.88
N GLU A 320 -2.73 -11.51 -5.65
CA GLU A 320 -2.47 -11.69 -7.06
C GLU A 320 -2.56 -10.36 -7.79
N ARG A 321 -1.90 -10.31 -8.95
CA ARG A 321 -1.84 -9.11 -9.73
C ARG A 321 -3.16 -8.75 -10.45
N VAL A 322 -3.38 -7.43 -10.54
CA VAL A 322 -4.62 -6.89 -11.08
C VAL A 322 -4.92 -7.49 -12.45
N LEU A 323 -3.94 -7.43 -13.35
CA LEU A 323 -4.16 -7.95 -14.70
C LEU A 323 -4.45 -9.45 -14.70
N THR A 324 -3.77 -10.19 -13.80
CA THR A 324 -4.02 -11.62 -13.63
C THR A 324 -5.39 -11.80 -13.08
N ARG A 325 -5.81 -11.00 -12.11
CA ARG A 325 -7.19 -11.15 -11.61
C ARG A 325 -8.19 -10.92 -12.77
N HIS A 326 -7.81 -10.10 -13.74
CA HIS A 326 -8.65 -9.77 -14.90
C HIS A 326 -8.49 -10.76 -16.10
N ALA A 327 -7.66 -11.79 -15.92
CA ALA A 327 -7.49 -12.83 -16.93
C ALA A 327 -6.87 -12.30 -18.21
N GLY A 328 -5.98 -11.32 -18.10
CA GLY A 328 -5.41 -10.69 -19.29
C GLY A 328 -6.22 -9.66 -20.11
N ASP A 329 -7.48 -9.41 -19.71
CA ASP A 329 -8.33 -8.40 -20.38
C ASP A 329 -8.03 -6.98 -19.85
N VAL A 330 -7.19 -6.30 -20.61
CA VAL A 330 -6.63 -5.00 -20.29
C VAL A 330 -7.66 -3.86 -20.14
N GLU A 331 -8.70 -3.88 -20.99
CA GLU A 331 -9.70 -2.81 -20.98
C GLU A 331 -10.56 -2.95 -19.77
N ALA A 332 -10.81 -4.19 -19.36
CA ALA A 332 -11.56 -4.43 -18.16
C ALA A 332 -10.82 -3.89 -16.95
N ALA A 333 -9.51 -4.10 -16.90
CA ALA A 333 -8.61 -3.61 -15.85
C ALA A 333 -8.52 -2.12 -15.77
N LEU A 334 -8.65 -1.46 -16.91
CA LEU A 334 -8.78 -0.01 -16.92
C LEU A 334 -10.08 0.50 -16.26
N LEU A 335 -11.14 -0.30 -16.28
CA LEU A 335 -12.31 0.01 -15.45
C LEU A 335 -11.99 0.00 -13.96
N SER A 336 -11.20 -0.97 -13.53
CA SER A 336 -10.74 -0.99 -12.14
C SER A 336 -10.04 0.30 -11.75
N TYR A 337 -9.15 0.76 -12.61
CA TYR A 337 -8.31 1.91 -12.26
C TYR A 337 -9.15 3.19 -12.25
N ALA A 338 -10.12 3.25 -13.14
CA ALA A 338 -11.03 4.41 -13.23
C ALA A 338 -11.81 4.56 -11.93
N LEU A 339 -12.31 3.45 -11.40
CA LEU A 339 -13.03 3.51 -10.12
C LEU A 339 -12.06 3.79 -9.00
N LEU A 340 -10.91 3.12 -9.02
CA LEU A 340 -9.86 3.48 -8.04
C LEU A 340 -9.62 4.99 -7.95
N PHE A 341 -9.29 5.65 -9.06
CA PHE A 341 -8.93 7.09 -9.02
C PHE A 341 -10.11 8.08 -8.72
N SER A 342 -11.35 7.61 -8.80
CA SER A 342 -12.55 8.40 -8.47
C SER A 342 -12.91 8.50 -6.95
N LEU A 343 -12.44 7.52 -6.16
CA LEU A 343 -12.85 7.40 -4.75
C LEU A 343 -12.20 8.43 -3.82
N GLU A 344 -12.99 8.86 -2.84
CA GLU A 344 -12.51 9.66 -1.70
C GLU A 344 -11.46 8.86 -0.93
N GLY A 345 -10.35 9.48 -0.55
CA GLY A 345 -9.16 8.72 -0.11
C GLY A 345 -8.11 8.61 -1.19
N ALA A 346 -6.89 8.19 -0.81
CA ALA A 346 -5.69 8.22 -1.65
C ALA A 346 -5.35 6.90 -2.42
N PRO A 347 -5.24 6.97 -3.76
CA PRO A 347 -5.13 5.74 -4.50
C PRO A 347 -3.69 5.34 -4.66
N MET A 348 -3.47 4.04 -4.66
CA MET A 348 -2.16 3.49 -4.68
C MET A 348 -2.10 2.52 -5.83
N VAL A 349 -1.03 2.63 -6.62
CA VAL A 349 -0.69 1.68 -7.65
C VAL A 349 0.47 0.84 -7.09
N TYR A 350 0.44 -0.48 -7.35
CA TYR A 350 1.50 -1.47 -6.99
C TYR A 350 2.45 -1.63 -8.18
N TYR A 351 3.77 -1.62 -7.92
CA TYR A 351 4.82 -1.49 -8.93
C TYR A 351 4.68 -2.59 -10.00
N GLY A 352 4.80 -2.19 -11.28
CA GLY A 352 4.67 -3.09 -12.42
C GLY A 352 3.27 -3.21 -13.02
N ASP A 353 2.24 -3.01 -12.21
CA ASP A 353 0.86 -3.18 -12.63
C ASP A 353 0.49 -2.14 -13.68
N GLU A 354 1.14 -0.96 -13.59
CA GLU A 354 0.91 0.13 -14.56
C GLU A 354 1.44 -0.17 -16.00
N VAL A 355 2.34 -1.14 -16.09
CA VAL A 355 3.08 -1.48 -17.29
C VAL A 355 2.67 -2.87 -17.78
N GLY A 356 1.76 -3.53 -17.06
CA GLY A 356 1.10 -4.74 -17.52
C GLY A 356 1.59 -6.05 -16.94
N LEU A 357 2.42 -6.02 -15.89
CA LEU A 357 2.94 -7.27 -15.31
C LEU A 357 1.79 -8.16 -14.84
N THR A 358 2.02 -9.48 -14.96
CA THR A 358 1.08 -10.48 -14.50
C THR A 358 1.71 -11.31 -13.40
N GLY A 359 0.88 -12.06 -12.70
CA GLY A 359 1.36 -12.90 -11.59
C GLY A 359 0.31 -13.33 -10.55
N ASP A 360 0.49 -14.53 -10.03
CA ASP A 360 -0.44 -15.08 -9.02
C ASP A 360 -0.03 -14.49 -7.69
N ASN A 361 -0.68 -14.89 -6.61
CA ASN A 361 -0.40 -14.42 -5.26
C ASN A 361 0.95 -14.91 -4.78
N ASP A 362 1.61 -14.12 -3.93
CA ASP A 362 2.94 -14.38 -3.33
C ASP A 362 3.39 -15.84 -3.33
N PRO A 363 4.53 -16.15 -3.97
CA PRO A 363 5.56 -15.29 -4.54
C PRO A 363 5.32 -14.77 -5.92
N GLY A 364 4.30 -15.21 -6.59
CA GLY A 364 4.11 -14.77 -7.94
C GLY A 364 3.95 -13.31 -8.30
N CYS A 365 3.47 -12.50 -7.36
CA CYS A 365 3.23 -11.06 -7.57
C CYS A 365 4.46 -10.22 -7.28
N ARG A 366 5.59 -10.85 -6.97
CA ARG A 366 6.80 -10.16 -6.58
C ARG A 366 7.83 -10.47 -7.67
N GLY A 367 7.35 -10.36 -8.90
CA GLY A 367 8.15 -10.37 -10.09
C GLY A 367 9.03 -9.14 -10.15
N ALA A 368 10.06 -9.28 -10.99
CA ALA A 368 11.05 -8.24 -11.28
C ALA A 368 10.48 -7.21 -12.25
N MET A 369 10.83 -5.95 -12.03
CA MET A 369 10.38 -4.83 -12.88
C MET A 369 11.20 -4.77 -14.19
N PRO A 370 10.52 -4.96 -15.34
CA PRO A 370 11.22 -4.87 -16.62
C PRO A 370 11.45 -3.41 -17.03
N TRP A 371 12.63 -3.15 -17.54
CA TRP A 371 13.03 -1.84 -17.93
C TRP A 371 13.26 -1.58 -19.42
N ASN A 372 13.18 -2.62 -20.22
CA ASN A 372 13.19 -2.38 -21.66
C ASN A 372 11.73 -1.94 -22.00
N GLU A 373 11.53 -0.66 -22.22
CA GLU A 373 10.20 -0.12 -22.54
C GLU A 373 9.40 -0.78 -23.67
N GLU A 374 10.06 -1.54 -24.54
CA GLU A 374 9.41 -2.27 -25.62
C GLU A 374 8.56 -3.41 -25.13
N SER A 375 8.81 -3.91 -23.91
CA SER A 375 7.99 -4.97 -23.35
C SER A 375 6.80 -4.42 -22.60
N TRP A 376 6.83 -3.12 -22.27
CA TRP A 376 5.71 -2.50 -21.58
C TRP A 376 4.44 -2.50 -22.41
N ASN A 377 3.30 -2.61 -21.74
CA ASN A 377 2.01 -2.22 -22.32
C ASN A 377 1.79 -0.72 -22.03
N THR A 378 2.19 0.13 -22.96
CA THR A 378 2.07 1.58 -22.79
C THR A 378 0.66 2.15 -22.90
N ARG A 379 -0.30 1.35 -23.40
CA ARG A 379 -1.68 1.82 -23.47
C ARG A 379 -2.40 1.69 -22.16
N LEU A 380 -2.10 0.65 -21.41
CA LEU A 380 -2.58 0.57 -20.04
C LEU A 380 -1.95 1.69 -19.17
N LEU A 381 -0.64 1.87 -19.27
CA LEU A 381 0.07 2.97 -18.60
C LEU A 381 -0.50 4.33 -18.86
N ASP A 382 -0.77 4.61 -20.13
CA ASP A 382 -1.27 5.91 -20.54
C ASP A 382 -2.74 6.03 -20.19
N GLY A 383 -3.44 4.92 -20.14
CA GLY A 383 -4.82 4.93 -19.62
C GLY A 383 -4.85 5.43 -18.18
N ILE A 384 -3.99 4.87 -17.34
CA ILE A 384 -3.96 5.23 -15.89
C ILE A 384 -3.58 6.69 -15.67
N ARG A 385 -2.62 7.19 -16.42
CA ARG A 385 -2.18 8.60 -16.29
C ARG A 385 -3.28 9.62 -16.58
N THR A 386 -4.21 9.21 -17.45
CA THR A 386 -5.33 10.03 -17.86
C THR A 386 -6.24 10.17 -16.69
N PHE A 387 -6.48 9.10 -15.95
CA PHE A 387 -7.36 9.20 -14.76
C PHE A 387 -6.68 10.03 -13.64
N ALA A 388 -5.37 9.85 -13.48
CA ALA A 388 -4.55 10.68 -12.55
C ALA A 388 -4.60 12.15 -12.86
N ALA A 389 -4.44 12.49 -14.14
CA ALA A 389 -4.51 13.88 -14.55
C ALA A 389 -5.86 14.54 -14.23
N PHE A 390 -6.99 13.87 -14.51
CA PHE A 390 -8.33 14.41 -14.22
C PHE A 390 -8.55 14.70 -12.73
N ARG A 391 -8.08 13.80 -11.89
CA ARG A 391 -8.23 13.93 -10.45
C ARG A 391 -7.36 15.07 -9.92
N ALA A 392 -6.20 15.23 -10.49
CA ALA A 392 -5.30 16.24 -10.05
C ALA A 392 -5.74 17.62 -10.48
N HIS A 393 -6.49 17.71 -11.56
CA HIS A 393 -6.91 18.98 -12.04
C HIS A 393 -8.25 19.35 -11.45
N GLN A 394 -8.87 18.43 -10.74
CA GLN A 394 -10.19 18.70 -10.18
C GLN A 394 -10.15 18.69 -8.63
N PRO A 395 -10.29 19.86 -7.98
CA PRO A 395 -10.34 19.96 -6.49
C PRO A 395 -11.37 19.05 -5.81
N ALA A 396 -12.59 19.05 -6.34
CA ALA A 396 -13.68 18.19 -5.88
C ALA A 396 -13.36 16.71 -5.96
N MET A 397 -12.42 16.33 -6.81
CA MET A 397 -12.04 14.96 -6.92
C MET A 397 -11.06 14.62 -5.84
N ARG A 398 -10.45 15.62 -5.23
CA ARG A 398 -9.55 15.41 -4.15
C ARG A 398 -10.21 15.69 -2.78
N ARG A 399 -11.11 16.67 -2.70
CA ARG A 399 -11.75 17.03 -1.44
C ARG A 399 -13.24 17.03 -1.44
N GLY A 400 -13.85 16.49 -2.46
CA GLY A 400 -15.27 16.40 -2.54
C GLY A 400 -15.79 15.27 -1.67
N ARG A 401 -16.98 15.49 -1.16
CA ARG A 401 -17.87 14.46 -0.63
C ARG A 401 -18.04 13.31 -1.66
N GLN A 402 -18.08 12.04 -1.23
CA GLN A 402 -18.36 10.96 -2.17
C GLN A 402 -19.75 10.37 -2.06
N THR A 403 -20.46 10.35 -3.21
CA THR A 403 -21.72 9.63 -3.41
C THR A 403 -21.70 8.72 -4.66
N ALA A 404 -21.82 7.41 -4.47
CA ALA A 404 -21.94 6.45 -5.55
C ALA A 404 -23.40 6.33 -6.00
N VAL A 405 -23.67 6.46 -7.30
CA VAL A 405 -25.02 6.30 -7.84
C VAL A 405 -25.01 5.30 -9.03
N ALA A 406 -25.79 4.23 -8.89
CA ALA A 406 -25.91 3.22 -9.94
C ALA A 406 -26.85 3.73 -11.01
N LEU A 407 -26.47 3.56 -12.27
CA LEU A 407 -27.34 3.91 -13.40
C LEU A 407 -27.99 2.70 -14.02
N ASP A 408 -27.37 1.55 -13.85
CA ASP A 408 -27.59 0.39 -14.69
C ASP A 408 -27.06 -0.76 -13.92
N ALA A 409 -27.41 -1.98 -14.29
CA ALA A 409 -26.64 -3.14 -13.81
C ALA A 409 -25.17 -3.05 -14.16
N ASP A 410 -24.86 -2.53 -15.36
CA ASP A 410 -23.46 -2.38 -15.84
C ASP A 410 -22.81 -0.97 -15.85
N THR A 411 -23.41 0.01 -15.16
CA THR A 411 -23.02 1.41 -15.25
C THR A 411 -23.23 2.15 -13.92
N ILE A 412 -22.17 2.81 -13.43
CA ILE A 412 -22.19 3.50 -12.15
C ILE A 412 -21.54 4.89 -12.28
N ALA A 413 -22.08 5.87 -11.54
CA ALA A 413 -21.44 7.18 -11.40
C ALA A 413 -20.95 7.37 -9.99
N ILE A 414 -19.67 7.74 -9.89
CA ILE A 414 -19.01 8.15 -8.62
C ILE A 414 -19.01 9.68 -8.66
N VAL A 415 -19.78 10.31 -7.78
CA VAL A 415 -19.99 11.78 -7.80
C VAL A 415 -19.25 12.41 -6.60
N ARG A 416 -18.51 13.47 -6.88
CA ARG A 416 -17.71 14.13 -5.89
C ARG A 416 -18.02 15.64 -5.86
N SER A 417 -18.41 16.18 -4.70
CA SER A 417 -18.80 17.62 -4.60
C SER A 417 -18.14 18.40 -3.47
N GLY A 418 -17.70 19.61 -3.78
CA GLY A 418 -17.03 20.50 -2.84
C GLY A 418 -17.64 21.89 -2.81
N GLU A 421 -20.70 22.54 -6.93
CA GLU A 421 -19.66 22.14 -7.88
C GLU A 421 -19.36 20.69 -7.76
N ARG A 422 -19.94 19.90 -8.63
CA ARG A 422 -19.71 18.51 -8.70
C ARG A 422 -18.67 18.20 -9.76
N ALA A 423 -18.21 16.99 -9.68
CA ALA A 423 -17.32 16.33 -10.62
C ALA A 423 -17.78 14.86 -10.60
N ALA A 424 -17.58 14.14 -11.67
CA ALA A 424 -18.08 12.76 -11.71
C ALA A 424 -17.43 11.93 -12.77
N VAL A 425 -17.06 10.70 -12.40
CA VAL A 425 -16.57 9.69 -13.31
C VAL A 425 -17.68 8.65 -13.47
N ILE A 426 -18.01 8.31 -14.71
CA ILE A 426 -18.96 7.25 -14.99
C ILE A 426 -18.20 6.08 -15.60
N VAL A 427 -18.52 4.86 -15.18
CA VAL A 427 -17.78 3.63 -15.51
C VAL A 427 -18.68 2.46 -16.04
N HIS A 428 -18.53 2.15 -17.31
CA HIS A 428 -19.37 1.16 -17.99
C HIS A 428 -18.57 -0.10 -18.28
N ARG A 429 -19.09 -1.26 -17.84
CA ARG A 429 -18.54 -2.60 -18.18
C ARG A 429 -19.27 -3.32 -19.31
N GLY A 430 -20.33 -2.71 -19.85
CA GLY A 430 -21.09 -3.30 -20.96
C GLY A 430 -20.59 -2.91 -22.33
N GLU A 431 -21.41 -3.21 -23.32
CA GLU A 431 -21.02 -3.16 -24.73
C GLU A 431 -21.20 -1.76 -25.37
N GLY A 432 -21.95 -0.90 -24.68
CA GLY A 432 -22.02 0.55 -24.96
C GLY A 432 -23.32 1.14 -24.38
N THR A 433 -23.32 2.43 -24.02
CA THR A 433 -24.51 3.09 -23.47
C THR A 433 -24.52 4.63 -23.60
N THR A 434 -25.67 5.20 -23.24
CA THR A 434 -25.90 6.62 -23.28
C THR A 434 -26.38 7.05 -21.89
N VAL A 435 -25.91 8.19 -21.38
CA VAL A 435 -26.42 8.65 -20.09
C VAL A 435 -27.03 10.06 -20.10
N ASP A 436 -28.26 10.11 -19.62
CA ASP A 436 -29.09 11.29 -19.54
C ASP A 436 -28.77 12.12 -18.30
N THR A 437 -27.85 13.07 -18.40
CA THR A 437 -27.42 13.86 -17.21
C THR A 437 -28.57 14.60 -16.49
N ALA A 438 -29.31 15.35 -17.25
CA ALA A 438 -30.37 16.21 -16.79
C ALA A 438 -31.46 15.56 -16.02
N SER A 439 -31.52 14.26 -16.06
CA SER A 439 -32.54 13.56 -15.36
C SER A 439 -32.11 12.87 -14.06
N ILE A 440 -30.82 12.89 -13.74
CA ILE A 440 -30.29 12.30 -12.52
C ILE A 440 -30.02 13.43 -11.55
N PRO A 441 -30.75 13.52 -10.44
CA PRO A 441 -30.61 14.74 -9.64
C PRO A 441 -29.20 15.08 -9.15
N GLU A 442 -28.34 14.08 -8.95
CA GLU A 442 -26.97 14.34 -8.49
C GLU A 442 -26.03 14.60 -9.67
N LEU A 443 -26.46 14.20 -10.86
CA LEU A 443 -25.77 14.55 -12.10
C LEU A 443 -26.30 15.84 -12.74
N ALA A 444 -27.58 16.16 -12.49
CA ALA A 444 -28.23 17.38 -13.04
C ALA A 444 -27.44 18.68 -12.90
N PRO A 445 -26.70 18.87 -11.77
CA PRO A 445 -25.93 20.10 -11.60
C PRO A 445 -24.70 20.20 -12.50
N LEU A 446 -24.34 19.12 -13.20
CA LEU A 446 -23.46 19.22 -14.36
C LEU A 446 -24.33 19.70 -15.56
N ASP A 447 -23.76 19.81 -16.76
CA ASP A 447 -24.49 20.44 -17.88
C ASP A 447 -24.85 19.51 -19.03
N ALA A 448 -23.81 19.04 -19.75
CA ALA A 448 -23.96 18.34 -21.02
C ALA A 448 -24.98 17.22 -20.85
N ASP A 449 -26.08 17.36 -21.57
CA ASP A 449 -27.29 16.55 -21.41
C ASP A 449 -26.97 15.04 -21.43
N THR A 450 -26.75 14.46 -22.60
CA THR A 450 -26.51 13.03 -22.67
C THR A 450 -25.03 12.83 -22.99
N VAL A 451 -24.51 11.76 -22.43
CA VAL A 451 -23.12 11.40 -22.52
C VAL A 451 -23.12 10.02 -23.19
N VAL A 452 -22.11 9.77 -23.99
CA VAL A 452 -22.01 8.55 -24.79
C VAL A 452 -20.80 7.73 -24.34
N LEU A 453 -21.03 6.44 -24.11
CA LEU A 453 -20.02 5.50 -23.61
C LEU A 453 -19.89 4.30 -24.53
N GLY A 454 -18.67 4.06 -25.02
CA GLY A 454 -18.35 2.90 -25.86
C GLY A 454 -18.24 1.62 -25.05
N PRO A 455 -17.95 0.48 -25.72
CA PRO A 455 -17.78 -0.78 -24.98
C PRO A 455 -16.68 -0.65 -23.94
N LEU A 456 -16.94 -1.05 -22.69
CA LEU A 456 -15.97 -0.90 -21.57
C LEU A 456 -15.53 0.56 -21.46
N GLY A 457 -16.50 1.46 -21.53
CA GLY A 457 -16.22 2.88 -21.59
C GLY A 457 -16.22 3.61 -20.24
N THR A 458 -15.69 4.81 -20.28
CA THR A 458 -15.52 5.64 -19.12
C THR A 458 -15.69 7.07 -19.56
N ALA A 459 -16.36 7.91 -18.76
CA ALA A 459 -16.40 9.39 -18.97
C ALA A 459 -16.09 10.18 -17.67
N SER A 460 -15.35 11.29 -17.79
CA SER A 460 -14.92 12.09 -16.63
C SER A 460 -15.36 13.53 -16.80
N LEU A 461 -16.31 13.99 -16.00
CA LEU A 461 -16.98 15.26 -16.24
C LEU A 461 -16.78 16.23 -15.06
N ALA A 462 -16.96 17.54 -15.31
CA ALA A 462 -16.70 18.56 -14.27
C ALA A 462 -17.30 19.99 -14.50
N THR A 463 -17.22 20.79 -13.43
CA THR A 463 -17.68 22.19 -13.31
C THR A 463 -19.17 22.24 -13.10
C1 GLC B . 1.72 -8.34 6.56
C2 GLC B . 2.67 -8.12 5.37
C3 GLC B . 3.03 -9.45 4.78
C4 GLC B . 3.85 -10.24 5.82
C5 GLC B . 2.96 -10.43 7.07
C6 GLC B . 3.73 -11.04 8.26
O1 GLC B . 0.42 -8.86 6.16
O2 GLC B . 2.10 -7.21 4.41
O3 GLC B . 3.66 -9.29 3.50
O4 GLC B . 4.14 -11.53 5.25
O5 GLC B . 2.38 -9.18 7.55
O6 GLC B . 4.85 -10.21 8.59
C1 GLC B . 5.46 -12.06 5.29
C2 GLC B . 5.91 -12.45 3.88
C3 GLC B . 5.21 -13.70 3.35
C4 GLC B . 5.36 -14.82 4.36
C5 GLC B . 4.74 -14.34 5.65
C6 GLC B . 4.73 -15.43 6.75
O2 GLC B . 5.66 -11.32 3.03
O3 GLC B . 5.83 -14.04 2.08
O4 GLC B . 4.72 -16.04 3.96
O5 GLC B . 5.47 -13.19 6.14
O6 GLC B . 6.10 -15.61 7.14
#